data_4WZF
#
_entry.id   4WZF
#
_cell.length_a   135.133
_cell.length_b   65.847
_cell.length_c   67.449
_cell.angle_alpha   90.00
_cell.angle_beta   105.17
_cell.angle_gamma   90.00
#
_symmetry.space_group_name_H-M   'C 1 2 1'
#
loop_
_entity.id
_entity.type
_entity.pdbx_description
1 polymer 1,3-beta-glucanase
2 non-polymer 'CALCIUM ION'
3 non-polymer 1,2-ETHANEDIOL
4 water water
#
_entity_poly.entity_id   1
_entity_poly.type   'polypeptide(L)'
_entity_poly.pdbx_seq_one_letter_code
;MLMPEMDRRRMMMMAGFGALAAALPAPTAWADPSRPAAPAGPTPAPAAPAAATGGLLFHDEFDGPAGSVPDPSKWQVSNH
RTPIKNPVGFDRPQFFGQYRDSRQNVFLDGNSNLVLRATREGNRYFGGLVHGLWRGGIGTTWEARIKFNCLAPGMWPAWW
LSNDDPGRSGEIDLIEWYGNGTWPSGTTVHANPDGTAFETCPIGVDGGWHNWRVTWNPSGMYFWLDYADGIEPYFSVPAT
GIEDLNEPIREWPFNDPGYKVFPVLNLAVGGSGGGDPATGSYPQEMLVDWVRVFGSHHHHHH
;
_entity_poly.pdbx_strand_id   A,B
#
loop_
_chem_comp.id
_chem_comp.type
_chem_comp.name
_chem_comp.formula
CA non-polymer 'CALCIUM ION' 'Ca 2'
EDO non-polymer 1,2-ETHANEDIOL 'C2 H6 O2'
#
# COMPACT_ATOMS: atom_id res chain seq x y z
N GLY A 54 -48.89 0.24 -7.59
CA GLY A 54 -49.22 1.57 -7.12
C GLY A 54 -48.60 2.69 -7.95
N GLY A 55 -48.68 2.58 -9.27
CA GLY A 55 -48.16 3.63 -10.15
C GLY A 55 -46.78 3.32 -10.67
N LEU A 56 -46.22 2.19 -10.24
CA LEU A 56 -44.94 1.74 -10.76
C LEU A 56 -45.12 1.29 -12.21
N LEU A 57 -44.41 1.94 -13.13
CA LEU A 57 -44.50 1.61 -14.55
C LEU A 57 -43.40 0.67 -15.03
N PHE A 58 -42.20 0.87 -14.47
CA PHE A 58 -41.02 0.13 -14.87
C PHE A 58 -40.02 0.16 -13.74
N HIS A 59 -39.39 -0.97 -13.46
CA HIS A 59 -38.15 -0.92 -12.71
C HIS A 59 -37.20 -2.08 -13.02
N ASP A 60 -35.97 -1.91 -12.55
CA ASP A 60 -35.07 -3.04 -12.39
C ASP A 60 -34.34 -2.87 -11.07
N GLU A 61 -34.43 -3.88 -10.21
CA GLU A 61 -33.68 -3.88 -8.96
C GLU A 61 -32.31 -4.55 -9.11
N PHE A 62 -32.05 -5.13 -10.28
CA PHE A 62 -30.73 -5.69 -10.62
C PHE A 62 -30.32 -6.84 -9.70
N ASP A 63 -31.30 -7.60 -9.25
CA ASP A 63 -31.05 -8.85 -8.52
C ASP A 63 -30.54 -9.91 -9.48
N GLY A 64 -29.72 -10.82 -8.98
CA GLY A 64 -29.22 -11.89 -9.83
C GLY A 64 -27.79 -12.25 -9.50
N PRO A 65 -27.34 -13.41 -10.01
CA PRO A 65 -26.01 -13.95 -9.67
C PRO A 65 -24.89 -13.08 -10.20
N ALA A 66 -23.79 -13.02 -9.44
CA ALA A 66 -22.59 -12.29 -9.86
C ALA A 66 -22.13 -12.73 -11.24
N GLY A 67 -21.77 -11.75 -12.07
CA GLY A 67 -21.26 -12.01 -13.39
C GLY A 67 -22.30 -12.20 -14.48
N SER A 68 -23.58 -12.11 -14.13
CA SER A 68 -24.62 -12.36 -15.13
C SER A 68 -24.98 -11.08 -15.88
N VAL A 69 -25.61 -11.28 -17.02
CA VAL A 69 -26.07 -10.17 -17.87
C VAL A 69 -27.27 -9.49 -17.22
N PRO A 70 -27.39 -8.16 -17.38
CA PRO A 70 -28.62 -7.48 -16.96
C PRO A 70 -29.82 -8.08 -17.67
N ASP A 71 -30.99 -8.02 -17.01
CA ASP A 71 -32.22 -8.57 -17.55
C ASP A 71 -32.43 -8.26 -19.04
N PRO A 72 -32.35 -9.28 -19.89
CA PRO A 72 -32.46 -9.04 -21.33
C PRO A 72 -33.85 -8.63 -21.80
N SER A 73 -34.87 -8.76 -20.94
CA SER A 73 -36.20 -8.28 -21.31
C SER A 73 -36.33 -6.79 -20.96
N LYS A 74 -35.33 -6.24 -20.28
CA LYS A 74 -35.40 -4.84 -19.86
C LYS A 74 -34.27 -3.96 -20.43
N TRP A 75 -33.15 -4.57 -20.78
CA TRP A 75 -31.98 -3.82 -21.23
C TRP A 75 -31.32 -4.42 -22.45
N GLN A 76 -30.81 -3.56 -23.32
CA GLN A 76 -29.91 -4.00 -24.37
C GLN A 76 -28.51 -3.50 -24.01
N VAL A 77 -27.54 -4.41 -23.97
CA VAL A 77 -26.16 -4.02 -23.70
C VAL A 77 -25.50 -3.60 -24.99
N SER A 78 -24.91 -2.41 -25.02
CA SER A 78 -24.32 -1.90 -26.27
C SER A 78 -23.06 -2.66 -26.64
N ASN A 79 -22.91 -2.95 -27.93
CA ASN A 79 -21.67 -3.56 -28.38
C ASN A 79 -20.94 -2.63 -29.35
N HIS A 80 -21.30 -1.35 -29.34
CA HIS A 80 -20.62 -0.36 -30.17
C HIS A 80 -20.95 1.09 -29.78
N ARG A 81 -19.89 1.89 -29.64
CA ARG A 81 -20.00 3.33 -29.51
C ARG A 81 -19.71 3.98 -30.86
N THR A 82 -20.70 4.65 -31.42
CA THR A 82 -20.52 5.26 -32.73
C THR A 82 -19.45 6.34 -32.71
N PRO A 83 -18.47 6.24 -33.62
CA PRO A 83 -17.40 7.23 -33.80
C PRO A 83 -17.92 8.64 -34.09
N ILE A 84 -17.15 9.63 -33.68
CA ILE A 84 -17.54 11.02 -33.80
C ILE A 84 -17.24 11.55 -35.21
N LYS A 85 -18.19 12.31 -35.76
CA LYS A 85 -18.03 12.97 -37.06
C LYS A 85 -17.06 14.14 -36.96
N ASN A 86 -16.14 14.23 -37.91
CA ASN A 86 -15.01 15.19 -37.85
C ASN A 86 -14.41 15.28 -36.44
N PRO A 87 -13.82 14.17 -35.97
CA PRO A 87 -13.32 14.17 -34.60
C PRO A 87 -12.07 15.01 -34.44
N VAL A 88 -11.98 15.71 -33.32
CA VAL A 88 -10.73 16.35 -32.93
C VAL A 88 -10.47 16.05 -31.47
N GLY A 89 -9.25 16.30 -31.02
CA GLY A 89 -8.90 16.06 -29.63
C GLY A 89 -9.18 14.63 -29.23
N PHE A 90 -9.82 14.46 -28.08
CA PHE A 90 -10.01 13.14 -27.50
C PHE A 90 -11.21 12.39 -28.08
N ASP A 91 -11.86 12.97 -29.08
CA ASP A 91 -12.82 12.21 -29.87
C ASP A 91 -12.16 11.36 -30.96
N ARG A 92 -10.87 11.60 -31.23
CA ARG A 92 -10.17 10.79 -32.22
C ARG A 92 -10.06 9.33 -31.75
N PRO A 93 -10.03 8.39 -32.71
CA PRO A 93 -10.16 6.96 -32.41
C PRO A 93 -9.19 6.43 -31.34
N GLN A 94 -7.95 6.91 -31.33
CA GLN A 94 -6.97 6.40 -30.39
C GLN A 94 -7.31 6.76 -28.95
N PHE A 95 -8.25 7.70 -28.77
CA PHE A 95 -8.65 8.14 -27.43
C PHE A 95 -10.10 7.77 -27.12
N PHE A 96 -10.70 6.97 -27.99
CA PHE A 96 -12.16 6.78 -27.94
C PHE A 96 -12.51 5.36 -27.48
N GLY A 97 -12.83 5.22 -26.20
CA GLY A 97 -13.14 3.90 -25.67
C GLY A 97 -14.41 3.34 -26.25
N GLN A 98 -14.43 2.03 -26.50
CA GLN A 98 -15.59 1.41 -27.11
C GLN A 98 -16.57 0.87 -26.07
N TYR A 99 -17.78 0.56 -26.52
CA TYR A 99 -18.72 -0.20 -25.71
C TYR A 99 -18.68 -1.63 -26.19
N ARG A 100 -18.77 -2.55 -25.24
CA ARG A 100 -18.67 -3.97 -25.50
C ARG A 100 -19.74 -4.77 -24.73
N ASP A 101 -20.45 -5.65 -25.41
CA ASP A 101 -21.35 -6.58 -24.71
C ASP A 101 -20.52 -7.73 -24.14
N SER A 102 -19.84 -7.44 -23.03
CA SER A 102 -19.01 -8.41 -22.34
C SER A 102 -19.25 -8.32 -20.85
N ARG A 103 -19.17 -9.46 -20.16
CA ARG A 103 -19.39 -9.46 -18.72
C ARG A 103 -18.18 -8.87 -17.99
N GLN A 104 -17.12 -8.54 -18.73
CA GLN A 104 -16.01 -7.79 -18.16
C GLN A 104 -16.39 -6.33 -17.96
N ASN A 105 -17.39 -5.85 -18.69
CA ASN A 105 -17.74 -4.42 -18.67
C ASN A 105 -19.16 -4.10 -18.21
N VAL A 106 -20.06 -5.05 -18.39
CA VAL A 106 -21.45 -4.86 -18.00
C VAL A 106 -21.95 -6.14 -17.36
N PHE A 107 -22.24 -6.10 -16.07
CA PHE A 107 -22.63 -7.30 -15.33
C PHE A 107 -23.37 -6.96 -14.06
N LEU A 108 -24.13 -7.91 -13.52
CA LEU A 108 -24.69 -7.79 -12.16
C LEU A 108 -23.64 -8.30 -11.18
N ASP A 109 -23.49 -7.65 -10.02
CA ASP A 109 -22.42 -8.05 -9.10
C ASP A 109 -22.82 -9.14 -8.11
N GLY A 110 -24.07 -9.57 -8.14
CA GLY A 110 -24.57 -10.57 -7.21
C GLY A 110 -25.02 -9.98 -5.88
N ASN A 111 -24.81 -8.68 -5.73
CA ASN A 111 -25.25 -7.94 -4.56
C ASN A 111 -26.37 -6.95 -4.88
N SER A 112 -27.10 -7.23 -5.96
CA SER A 112 -28.22 -6.41 -6.42
C SER A 112 -27.77 -5.05 -6.99
N ASN A 113 -26.58 -4.99 -7.57
CA ASN A 113 -26.15 -3.83 -8.37
C ASN A 113 -25.83 -4.20 -9.81
N LEU A 114 -26.19 -3.30 -10.72
CA LEU A 114 -25.61 -3.26 -12.05
C LEU A 114 -24.22 -2.66 -11.94
N VAL A 115 -23.24 -3.27 -12.62
CA VAL A 115 -21.91 -2.68 -12.69
C VAL A 115 -21.60 -2.34 -14.13
N LEU A 116 -21.21 -1.08 -14.35
CA LEU A 116 -20.65 -0.64 -15.61
C LEU A 116 -19.20 -0.36 -15.32
N ARG A 117 -18.30 -1.10 -15.97
CA ARG A 117 -16.88 -1.10 -15.63
C ARG A 117 -15.99 -0.68 -16.80
N ALA A 118 -15.06 0.23 -16.53
CA ALA A 118 -14.04 0.63 -17.51
C ALA A 118 -12.87 -0.32 -17.42
N THR A 119 -12.46 -0.88 -18.55
CA THR A 119 -11.29 -1.77 -18.56
C THR A 119 -10.36 -1.37 -19.70
N ARG A 120 -9.15 -1.94 -19.68
CA ARG A 120 -8.17 -1.67 -20.70
C ARG A 120 -7.48 -2.98 -21.08
N GLU A 121 -7.32 -3.21 -22.38
CA GLU A 121 -6.62 -4.39 -22.87
C GLU A 121 -5.57 -3.92 -23.86
N GLY A 122 -4.29 -4.06 -23.52
CA GLY A 122 -3.25 -3.41 -24.31
C GLY A 122 -3.52 -1.92 -24.39
N ASN A 123 -3.71 -1.40 -25.61
CA ASN A 123 -4.03 0.01 -25.79
C ASN A 123 -5.46 0.23 -26.26
N ARG A 124 -6.30 -0.76 -26.05
CA ARG A 124 -7.73 -0.62 -26.32
C ARG A 124 -8.48 -0.39 -25.01
N TYR A 125 -9.47 0.50 -25.04
CA TYR A 125 -10.22 0.85 -23.84
C TYR A 125 -11.67 0.48 -24.04
N PHE A 126 -12.30 0.03 -22.96
CA PHE A 126 -13.70 -0.38 -23.00
C PHE A 126 -14.50 0.17 -21.83
N GLY A 127 -15.70 0.65 -22.12
CA GLY A 127 -16.64 0.99 -21.07
C GLY A 127 -17.91 0.17 -21.26
N GLY A 128 -19.01 0.64 -20.69
CA GLY A 128 -20.25 -0.12 -20.76
C GLY A 128 -21.46 0.79 -20.87
N LEU A 129 -22.48 0.33 -21.59
CA LEU A 129 -23.71 1.08 -21.72
C LEU A 129 -24.90 0.11 -21.77
N VAL A 130 -25.95 0.42 -21.01
CA VAL A 130 -27.22 -0.28 -21.17
C VAL A 130 -28.29 0.71 -21.57
N HIS A 131 -29.19 0.21 -22.41
CA HIS A 131 -30.22 0.99 -23.06
C HIS A 131 -31.54 0.28 -22.72
N GLY A 132 -32.48 0.97 -22.07
CA GLY A 132 -33.71 0.33 -21.63
C GLY A 132 -34.63 0.04 -22.81
N LEU A 133 -35.34 -1.08 -22.74
CA LEU A 133 -36.20 -1.51 -23.84
C LEU A 133 -37.63 -0.99 -23.65
N TRP A 134 -37.88 -0.37 -22.50
CA TRP A 134 -39.19 0.17 -22.17
C TRP A 134 -39.17 1.69 -22.29
N ARG A 135 -40.23 2.26 -22.88
CA ARG A 135 -40.32 3.70 -23.08
C ARG A 135 -41.50 4.30 -22.34
N GLY A 136 -41.29 5.48 -21.77
CA GLY A 136 -42.31 6.14 -20.97
C GLY A 136 -42.60 7.53 -21.49
N GLY A 137 -43.86 7.97 -21.39
CA GLY A 137 -44.22 9.30 -21.81
C GLY A 137 -44.35 10.31 -20.67
N ILE A 138 -44.98 11.43 -20.97
CA ILE A 138 -45.05 12.55 -20.04
C ILE A 138 -45.87 12.20 -18.80
N GLY A 139 -45.61 12.90 -17.70
CA GLY A 139 -46.27 12.58 -16.44
C GLY A 139 -45.62 11.41 -15.74
N THR A 140 -44.29 11.36 -15.80
CA THR A 140 -43.52 10.28 -15.19
C THR A 140 -42.39 10.81 -14.33
N THR A 141 -42.04 10.03 -13.30
CA THR A 141 -40.90 10.34 -12.45
C THR A 141 -39.89 9.21 -12.56
N TRP A 142 -38.67 9.57 -12.93
CA TRP A 142 -37.59 8.62 -13.19
C TRP A 142 -36.52 8.77 -12.14
N GLU A 143 -36.03 7.68 -11.59
CA GLU A 143 -35.03 7.80 -10.55
C GLU A 143 -34.07 6.60 -10.55
N ALA A 144 -32.80 6.87 -10.34
CA ALA A 144 -31.84 5.78 -10.18
C ALA A 144 -30.98 6.03 -8.95
N ARG A 145 -30.63 4.95 -8.27
CA ARG A 145 -29.71 5.00 -7.14
C ARG A 145 -28.34 4.57 -7.63
N ILE A 146 -27.37 5.48 -7.54
CA ILE A 146 -26.09 5.31 -8.21
C ILE A 146 -24.92 5.60 -7.29
N LYS A 147 -23.85 4.81 -7.42
CA LYS A 147 -22.58 5.13 -6.80
C LYS A 147 -21.51 5.22 -7.87
N PHE A 148 -20.92 6.40 -8.02
CA PHE A 148 -19.85 6.62 -8.98
C PHE A 148 -18.48 6.31 -8.39
N ASN A 149 -17.98 5.10 -8.63
CA ASN A 149 -16.62 4.73 -8.26
C ASN A 149 -15.71 4.91 -9.47
N CYS A 150 -15.87 6.05 -10.14
CA CYS A 150 -15.23 6.27 -11.44
C CYS A 150 -14.97 7.75 -11.68
N LEU A 151 -14.86 8.52 -10.61
CA LEU A 151 -14.66 9.95 -10.74
C LEU A 151 -13.17 10.22 -10.91
N ALA A 152 -12.67 9.86 -12.08
CA ALA A 152 -11.24 9.85 -12.34
C ALA A 152 -10.99 10.21 -13.81
N PRO A 153 -9.77 10.66 -14.13
CA PRO A 153 -9.46 11.06 -15.51
C PRO A 153 -9.78 9.96 -16.51
N GLY A 154 -10.32 10.33 -17.67
CA GLY A 154 -10.58 9.37 -18.69
C GLY A 154 -12.05 8.95 -18.70
N MET A 155 -12.71 9.12 -17.56
CA MET A 155 -14.04 8.54 -17.36
C MET A 155 -15.15 9.53 -17.67
N TRP A 156 -16.29 9.03 -18.13
CA TRP A 156 -17.41 9.88 -18.46
C TRP A 156 -18.70 9.11 -18.18
N PRO A 157 -19.11 9.05 -16.90
CA PRO A 157 -20.36 8.36 -16.56
C PRO A 157 -21.59 9.22 -16.81
N ALA A 158 -22.74 8.59 -17.04
CA ALA A 158 -23.97 9.34 -17.27
C ALA A 158 -25.19 8.51 -16.96
N TRP A 159 -26.24 9.22 -16.55
CA TRP A 159 -27.56 8.65 -16.33
C TRP A 159 -28.52 9.58 -17.04
N TRP A 160 -29.20 9.06 -18.06
CA TRP A 160 -29.97 9.94 -18.94
C TRP A 160 -31.11 9.22 -19.63
N LEU A 161 -32.01 10.00 -20.18
CA LEU A 161 -33.17 9.49 -20.89
C LEU A 161 -33.09 9.94 -22.33
N SER A 162 -33.46 9.05 -23.24
CA SER A 162 -33.30 9.33 -24.67
C SER A 162 -34.60 9.20 -25.44
N ASN A 163 -34.85 10.13 -26.36
CA ASN A 163 -35.86 9.91 -27.40
C ASN A 163 -35.09 9.84 -28.70
N ASP A 164 -35.30 8.79 -29.49
CA ASP A 164 -34.58 8.65 -30.76
C ASP A 164 -35.53 8.60 -31.95
N ASP A 165 -36.68 9.25 -31.81
CA ASP A 165 -37.64 9.33 -32.92
C ASP A 165 -37.04 10.11 -34.07
N PRO A 166 -37.25 9.64 -35.31
CA PRO A 166 -36.68 10.39 -36.42
C PRO A 166 -37.33 11.78 -36.54
N GLY A 167 -36.51 12.83 -36.52
CA GLY A 167 -37.01 14.18 -36.68
C GLY A 167 -37.44 14.92 -35.43
N ARG A 168 -37.37 14.27 -34.26
CA ARG A 168 -37.72 14.97 -33.02
C ARG A 168 -36.97 14.41 -31.82
N SER A 169 -35.76 13.92 -32.06
CA SER A 169 -34.97 13.30 -30.99
C SER A 169 -34.58 14.34 -29.95
N GLY A 170 -34.39 13.87 -28.71
CA GLY A 170 -34.02 14.74 -27.62
C GLY A 170 -33.40 13.92 -26.51
N GLU A 171 -32.87 14.57 -25.48
CA GLU A 171 -32.32 13.79 -24.38
C GLU A 171 -32.38 14.57 -23.08
N ILE A 172 -32.54 13.82 -22.00
CA ILE A 172 -32.64 14.39 -20.67
C ILE A 172 -31.49 13.80 -19.84
N ASP A 173 -30.44 14.58 -19.64
CA ASP A 173 -29.27 14.09 -18.91
C ASP A 173 -29.42 14.43 -17.44
N LEU A 174 -29.84 13.45 -16.64
CA LEU A 174 -30.04 13.71 -15.20
C LEU A 174 -28.72 14.06 -14.54
N ILE A 175 -27.68 13.30 -14.87
CA ILE A 175 -26.34 13.64 -14.37
C ILE A 175 -25.25 13.08 -15.28
N GLU A 176 -24.23 13.91 -15.53
CA GLU A 176 -23.02 13.52 -16.22
C GLU A 176 -21.85 14.06 -15.42
N TRP A 177 -20.76 13.30 -15.40
CA TRP A 177 -19.52 13.78 -14.80
C TRP A 177 -18.43 13.60 -15.83
N TYR A 178 -17.52 14.58 -15.91
CA TYR A 178 -16.53 14.60 -16.98
C TYR A 178 -15.09 14.42 -16.47
N GLY A 179 -14.40 13.42 -17.02
CA GLY A 179 -13.05 13.10 -16.58
C GLY A 179 -11.97 13.92 -17.26
N ASN A 180 -12.39 14.89 -18.08
CA ASN A 180 -11.44 15.66 -18.90
C ASN A 180 -10.78 16.82 -18.15
N GLY A 181 -11.14 17.01 -16.90
CA GLY A 181 -10.50 17.98 -16.04
C GLY A 181 -10.90 19.43 -16.29
N THR A 182 -11.89 19.66 -17.16
CA THR A 182 -12.27 21.02 -17.51
C THR A 182 -13.77 21.29 -17.37
N TRP A 183 -14.61 20.38 -17.83
CA TRP A 183 -16.05 20.63 -17.81
C TRP A 183 -16.66 20.28 -16.46
N PRO A 184 -17.59 21.13 -15.98
CA PRO A 184 -18.25 20.86 -14.69
C PRO A 184 -19.34 19.81 -14.83
N SER A 185 -19.45 18.94 -13.83
CA SER A 185 -20.50 17.93 -13.81
C SER A 185 -21.87 18.59 -13.73
N GLY A 186 -22.91 17.95 -14.26
CA GLY A 186 -24.22 18.56 -14.19
C GLY A 186 -25.32 17.89 -14.96
N THR A 187 -26.39 18.66 -15.12
CA THR A 187 -27.69 18.19 -15.61
C THR A 187 -28.09 19.01 -16.83
N THR A 188 -28.58 18.35 -17.86
CA THR A 188 -28.90 19.06 -19.11
C THR A 188 -30.15 18.50 -19.76
N VAL A 189 -31.00 19.40 -20.27
CA VAL A 189 -32.10 18.98 -21.15
C VAL A 189 -31.81 19.44 -22.58
N HIS A 190 -31.74 18.49 -23.51
CA HIS A 190 -31.50 18.78 -24.92
C HIS A 190 -32.76 18.61 -25.73
N ALA A 191 -33.19 19.66 -26.41
CA ALA A 191 -34.43 19.61 -27.18
C ALA A 191 -34.17 19.35 -28.67
N ASN A 192 -32.89 19.13 -29.01
CA ASN A 192 -32.54 18.60 -30.33
C ASN A 192 -31.29 17.72 -30.18
N PRO A 193 -30.98 16.91 -31.20
CA PRO A 193 -29.82 16.00 -31.08
C PRO A 193 -28.49 16.64 -31.46
N ASP A 194 -28.46 17.96 -31.60
CA ASP A 194 -27.26 18.65 -32.06
C ASP A 194 -26.56 19.43 -30.96
N GLY A 195 -27.15 19.45 -29.77
CA GLY A 195 -26.57 20.16 -28.64
C GLY A 195 -26.72 21.67 -28.68
N THR A 196 -27.63 22.16 -29.52
CA THR A 196 -27.82 23.60 -29.69
C THR A 196 -29.13 24.14 -29.12
N ALA A 197 -29.92 23.27 -28.51
CA ALA A 197 -31.18 23.71 -27.90
C ALA A 197 -31.28 23.12 -26.50
N PHE A 198 -30.54 23.71 -25.57
CA PHE A 198 -30.31 23.05 -24.30
C PHE A 198 -30.51 23.98 -23.11
N GLU A 199 -30.78 23.36 -21.97
CA GLU A 199 -30.78 24.06 -20.69
C GLU A 199 -29.92 23.24 -19.76
N THR A 200 -28.90 23.86 -19.16
CA THR A 200 -27.99 23.09 -18.33
C THR A 200 -27.81 23.70 -16.94
N CYS A 201 -27.44 22.87 -15.99
CA CYS A 201 -27.25 23.30 -14.60
C CYS A 201 -26.17 22.48 -13.93
N PRO A 202 -25.11 23.15 -13.47
CA PRO A 202 -24.05 22.38 -12.80
C PRO A 202 -24.47 21.91 -11.42
N ILE A 203 -24.02 20.72 -11.04
CA ILE A 203 -24.22 20.22 -9.70
C ILE A 203 -23.10 19.25 -9.37
N GLY A 204 -22.60 19.31 -8.15
CA GLY A 204 -21.46 18.50 -7.73
C GLY A 204 -21.81 17.04 -7.56
N VAL A 205 -20.82 16.20 -7.83
CA VAL A 205 -20.93 14.75 -7.71
C VAL A 205 -19.82 14.24 -6.81
N ASP A 206 -20.17 13.46 -5.80
CA ASP A 206 -19.16 12.81 -4.99
C ASP A 206 -19.31 11.29 -5.10
N GLY A 207 -18.54 10.55 -4.31
CA GLY A 207 -18.50 9.12 -4.46
C GLY A 207 -19.49 8.32 -3.64
N GLY A 208 -20.43 9.00 -2.99
CA GLY A 208 -21.40 8.30 -2.16
C GLY A 208 -22.58 7.76 -2.94
N TRP A 209 -23.38 6.93 -2.30
CA TRP A 209 -24.65 6.55 -2.89
C TRP A 209 -25.58 7.75 -2.97
N HIS A 210 -26.19 7.96 -4.13
CA HIS A 210 -27.16 9.04 -4.28
C HIS A 210 -28.29 8.62 -5.21
N ASN A 211 -29.47 9.22 -5.01
CA ASN A 211 -30.61 9.05 -5.91
C ASN A 211 -30.75 10.27 -6.80
N TRP A 212 -30.82 10.03 -8.12
CA TRP A 212 -30.94 11.10 -9.09
C TRP A 212 -32.30 10.99 -9.79
N ARG A 213 -33.12 12.04 -9.67
CA ARG A 213 -34.53 12.00 -10.06
C ARG A 213 -34.91 13.11 -11.02
N VAL A 214 -35.77 12.80 -11.99
CA VAL A 214 -36.46 13.87 -12.72
C VAL A 214 -37.95 13.55 -12.72
N THR A 215 -38.77 14.58 -12.48
CA THR A 215 -40.20 14.47 -12.73
C THR A 215 -40.51 15.27 -13.98
N TRP A 216 -41.13 14.61 -14.94
CA TRP A 216 -41.41 15.19 -16.24
C TRP A 216 -42.92 15.27 -16.40
N ASN A 217 -43.47 16.47 -16.37
CA ASN A 217 -44.92 16.59 -16.55
C ASN A 217 -45.25 17.71 -17.54
N PRO A 218 -46.54 17.93 -17.84
CA PRO A 218 -46.81 18.93 -18.86
C PRO A 218 -46.24 20.32 -18.58
N SER A 219 -46.02 20.66 -17.30
CA SER A 219 -45.49 21.98 -16.99
C SER A 219 -43.98 22.08 -17.20
N GLY A 220 -43.28 20.94 -17.30
CA GLY A 220 -41.84 20.98 -17.50
C GLY A 220 -41.11 19.83 -16.80
N MET A 221 -39.81 20.01 -16.52
CA MET A 221 -38.99 18.97 -15.89
C MET A 221 -38.35 19.50 -14.61
N TYR A 222 -38.35 18.67 -13.57
CA TYR A 222 -37.86 19.05 -12.26
C TYR A 222 -36.88 17.99 -11.78
N PHE A 223 -35.69 18.42 -11.36
CA PHE A 223 -34.63 17.48 -10.97
C PHE A 223 -34.29 17.55 -9.50
N TRP A 224 -34.09 16.39 -8.89
CA TRP A 224 -33.63 16.30 -7.49
C TRP A 224 -32.42 15.42 -7.33
N LEU A 225 -31.59 15.78 -6.36
CA LEU A 225 -30.57 14.91 -5.80
C LEU A 225 -31.05 14.48 -4.41
N ASP A 226 -31.15 13.18 -4.18
CA ASP A 226 -31.62 12.63 -2.91
C ASP A 226 -32.95 13.24 -2.49
N TYR A 227 -33.94 13.10 -3.38
CA TYR A 227 -35.30 13.59 -3.15
C TYR A 227 -35.84 13.15 -1.82
N ALA A 228 -36.44 14.09 -1.10
CA ALA A 228 -37.23 13.77 0.08
C ALA A 228 -38.43 14.71 0.11
N ASP A 229 -39.49 14.28 0.78
CA ASP A 229 -40.73 15.05 0.85
C ASP A 229 -40.46 16.47 1.31
N GLY A 230 -40.92 17.46 0.54
CA GLY A 230 -40.81 18.85 0.95
C GLY A 230 -39.55 19.57 0.48
N ILE A 231 -38.69 18.87 -0.24
CA ILE A 231 -37.47 19.47 -0.76
C ILE A 231 -37.67 20.01 -2.18
N GLU A 232 -37.14 21.19 -2.45
CA GLU A 232 -37.22 21.80 -3.77
C GLU A 232 -36.29 21.13 -4.76
N PRO A 233 -36.69 21.09 -6.04
CA PRO A 233 -35.78 20.58 -7.06
C PRO A 233 -34.59 21.53 -7.21
N TYR A 234 -33.43 21.02 -7.58
CA TYR A 234 -32.27 21.89 -7.73
C TYR A 234 -32.23 22.53 -9.12
N PHE A 235 -33.08 22.05 -10.01
CA PHE A 235 -33.14 22.54 -11.38
C PHE A 235 -34.53 22.31 -11.93
N SER A 236 -35.07 23.34 -12.58
CA SER A 236 -36.38 23.28 -13.21
C SER A 236 -36.28 23.77 -14.64
N VAL A 237 -36.88 23.04 -15.58
CA VAL A 237 -36.92 23.48 -16.97
C VAL A 237 -38.37 23.56 -17.42
N PRO A 238 -38.85 24.77 -17.69
CA PRO A 238 -40.25 24.91 -18.04
C PRO A 238 -40.56 24.48 -19.47
N ALA A 239 -41.73 23.87 -19.68
CA ALA A 239 -42.21 23.58 -21.02
C ALA A 239 -42.52 24.89 -21.71
N THR A 240 -42.42 24.93 -23.03
CA THR A 240 -42.72 26.17 -23.75
C THR A 240 -44.19 26.55 -23.56
N GLY A 241 -44.43 27.82 -23.21
CA GLY A 241 -45.77 28.33 -23.07
C GLY A 241 -46.03 29.49 -24.01
N ASN A 246 -40.93 36.27 -28.55
CA ASN A 246 -41.32 34.87 -28.71
C ASN A 246 -40.66 34.24 -29.93
N GLU A 247 -40.16 35.07 -30.83
CA GLU A 247 -39.31 34.60 -31.91
C GLU A 247 -37.83 34.84 -31.51
N PRO A 248 -36.96 33.85 -31.78
CA PRO A 248 -37.25 32.55 -32.38
C PRO A 248 -38.00 31.66 -31.40
N ILE A 249 -38.87 30.79 -31.92
CA ILE A 249 -39.60 29.86 -31.06
C ILE A 249 -38.64 28.87 -30.42
N ARG A 250 -38.72 28.71 -29.10
CA ARG A 250 -37.87 27.77 -28.39
C ARG A 250 -38.17 26.35 -28.83
N GLU A 251 -37.13 25.60 -29.21
CA GLU A 251 -37.31 24.21 -29.57
C GLU A 251 -37.69 23.41 -28.33
N TRP A 252 -38.76 22.63 -28.45
CA TRP A 252 -39.26 21.85 -27.31
C TRP A 252 -40.23 20.80 -27.82
N PRO A 253 -39.74 19.55 -27.97
CA PRO A 253 -40.56 18.44 -28.48
C PRO A 253 -41.29 17.65 -27.40
N PHE A 254 -40.94 17.87 -26.13
CA PHE A 254 -41.36 16.98 -25.05
C PHE A 254 -42.85 17.01 -24.70
N ASN A 255 -43.57 18.03 -25.16
CA ASN A 255 -45.01 18.08 -24.95
C ASN A 255 -45.79 17.65 -26.20
N ASP A 256 -45.06 17.13 -27.19
CA ASP A 256 -45.71 16.60 -28.39
C ASP A 256 -46.48 15.31 -28.06
N PRO A 257 -47.61 15.09 -28.74
CA PRO A 257 -48.42 13.91 -28.40
C PRO A 257 -47.69 12.60 -28.67
N GLY A 258 -47.68 11.72 -27.66
CA GLY A 258 -47.05 10.41 -27.80
C GLY A 258 -45.55 10.38 -27.62
N TYR A 259 -44.95 11.50 -27.21
CA TYR A 259 -43.49 11.57 -27.07
C TYR A 259 -43.03 10.71 -25.91
N LYS A 260 -42.05 9.81 -26.14
CA LYS A 260 -41.59 8.93 -25.07
C LYS A 260 -40.06 8.84 -25.04
N VAL A 261 -39.55 8.52 -23.87
CA VAL A 261 -38.12 8.35 -23.68
C VAL A 261 -37.81 7.01 -23.04
N PHE A 262 -36.57 6.54 -23.21
CA PHE A 262 -36.11 5.32 -22.56
C PHE A 262 -34.86 5.62 -21.74
N PRO A 263 -34.61 4.82 -20.69
CA PRO A 263 -33.47 5.06 -19.79
C PRO A 263 -32.16 4.54 -20.34
N VAL A 264 -31.08 5.28 -20.07
CA VAL A 264 -29.74 4.88 -20.47
C VAL A 264 -28.80 5.07 -19.27
N LEU A 265 -27.98 4.06 -19.00
CA LEU A 265 -26.90 4.17 -18.02
C LEU A 265 -25.60 3.82 -18.69
N ASN A 266 -24.57 4.64 -18.51
CA ASN A 266 -23.29 4.28 -19.15
C ASN A 266 -22.08 4.81 -18.43
N LEU A 267 -20.98 4.07 -18.58
CA LEU A 267 -19.66 4.57 -18.23
C LEU A 267 -18.85 4.57 -19.52
N ALA A 268 -18.73 5.75 -20.10
CA ALA A 268 -17.91 5.94 -21.29
C ALA A 268 -16.46 6.18 -20.91
N VAL A 269 -15.56 5.77 -21.79
CA VAL A 269 -14.13 5.98 -21.58
C VAL A 269 -13.55 6.80 -22.74
N GLY A 270 -12.91 7.92 -22.43
CA GLY A 270 -12.41 8.78 -23.48
C GLY A 270 -13.54 9.52 -24.18
N GLY A 271 -13.23 10.07 -25.35
CA GLY A 271 -14.12 11.04 -25.97
C GLY A 271 -13.88 12.39 -25.33
N SER A 272 -14.47 13.44 -25.89
CA SER A 272 -14.24 14.80 -25.44
C SER A 272 -14.53 14.98 -23.96
N GLY A 273 -15.60 14.36 -23.50
CA GLY A 273 -16.00 14.49 -22.11
C GLY A 273 -15.15 13.69 -21.14
N GLY A 274 -14.54 12.61 -21.62
CA GLY A 274 -13.74 11.74 -20.76
C GLY A 274 -12.29 12.19 -20.62
N GLY A 275 -11.74 12.80 -21.66
CA GLY A 275 -10.34 13.16 -21.66
C GLY A 275 -9.49 11.98 -22.12
N ASP A 276 -8.18 12.05 -21.88
CA ASP A 276 -7.28 11.01 -22.40
C ASP A 276 -7.38 9.72 -21.60
N PRO A 277 -7.83 8.62 -22.25
CA PRO A 277 -7.95 7.37 -21.48
C PRO A 277 -6.59 6.81 -21.04
N ALA A 278 -5.50 7.21 -21.69
CA ALA A 278 -4.16 6.75 -21.29
C ALA A 278 -3.78 7.27 -19.90
N THR A 279 -4.47 8.31 -19.45
CA THR A 279 -4.23 8.87 -18.12
C THR A 279 -5.13 8.21 -17.07
N GLY A 280 -5.97 7.27 -17.52
CA GLY A 280 -6.98 6.68 -16.67
C GLY A 280 -6.45 5.54 -15.83
N SER A 281 -7.27 5.14 -14.87
CA SER A 281 -6.99 3.98 -14.01
C SER A 281 -8.02 2.89 -14.30
N TYR A 282 -7.58 1.64 -14.34
CA TYR A 282 -8.44 0.53 -14.73
C TYR A 282 -8.28 -0.59 -13.70
N PRO A 283 -9.40 -1.05 -13.11
CA PRO A 283 -10.77 -0.67 -13.43
C PRO A 283 -11.28 0.59 -12.72
N GLN A 284 -12.33 1.17 -13.28
CA GLN A 284 -13.22 2.12 -12.60
C GLN A 284 -14.65 1.59 -12.77
N GLU A 285 -15.55 1.93 -11.86
CA GLU A 285 -16.91 1.38 -11.92
C GLU A 285 -17.97 2.40 -11.58
N MET A 286 -19.12 2.26 -12.25
CA MET A 286 -20.34 2.93 -11.88
C MET A 286 -21.31 1.85 -11.39
N LEU A 287 -21.82 1.98 -10.18
CA LEU A 287 -22.75 1.02 -9.60
C LEU A 287 -24.17 1.57 -9.60
N VAL A 288 -25.14 0.73 -9.99
CA VAL A 288 -26.54 1.15 -9.94
C VAL A 288 -27.36 0.14 -9.15
N ASP A 289 -27.91 0.59 -8.04
CA ASP A 289 -28.69 -0.30 -7.18
C ASP A 289 -30.07 -0.57 -7.79
N TRP A 290 -30.67 0.46 -8.39
CA TRP A 290 -31.97 0.30 -9.04
C TRP A 290 -32.29 1.47 -9.95
N VAL A 291 -33.23 1.23 -10.87
CA VAL A 291 -33.88 2.28 -11.68
C VAL A 291 -35.37 2.09 -11.49
N ARG A 292 -36.09 3.14 -11.11
CA ARG A 292 -37.55 3.05 -10.97
C ARG A 292 -38.24 4.18 -11.70
N VAL A 293 -39.37 3.86 -12.34
CA VAL A 293 -40.16 4.86 -13.05
C VAL A 293 -41.60 4.78 -12.59
N PHE A 294 -42.10 5.89 -12.05
CA PHE A 294 -43.49 5.96 -11.59
C PHE A 294 -44.32 6.86 -12.48
N GLY A 295 -45.60 6.57 -12.59
CA GLY A 295 -46.50 7.40 -13.37
C GLY A 295 -47.19 8.42 -12.48
N SER A 296 -48.15 9.14 -13.05
CA SER A 296 -49.00 10.03 -12.28
C SER A 296 -50.41 9.76 -12.75
N HIS A 297 -51.38 9.93 -11.86
CA HIS A 297 -52.71 9.42 -12.16
C HIS A 297 -53.34 10.11 -13.37
N GLY B 54 4.91 -16.87 28.98
CA GLY B 54 4.93 -15.43 28.96
C GLY B 54 5.13 -14.90 27.56
N GLY B 55 5.78 -13.75 27.43
CA GLY B 55 6.08 -13.21 26.13
C GLY B 55 7.41 -13.67 25.56
N LEU B 56 7.88 -14.83 25.97
CA LEU B 56 9.17 -15.31 25.46
C LEU B 56 9.06 -15.80 24.01
N LEU B 57 9.78 -15.13 23.11
CA LEU B 57 9.76 -15.48 21.69
C LEU B 57 10.92 -16.36 21.24
N PHE B 58 12.09 -16.12 21.82
CA PHE B 58 13.30 -16.82 21.41
C PHE B 58 14.29 -16.78 22.56
N HIS B 59 14.96 -17.90 22.83
CA HIS B 59 16.08 -17.84 23.77
C HIS B 59 16.98 -19.04 23.58
N ASP B 60 18.22 -18.89 24.05
CA ASP B 60 19.08 -20.04 24.24
C ASP B 60 19.80 -19.88 25.57
N GLU B 61 19.72 -20.92 26.41
CA GLU B 61 20.46 -20.94 27.68
C GLU B 61 21.83 -21.59 27.54
N PHE B 62 22.11 -22.14 26.36
CA PHE B 62 23.43 -22.70 26.04
C PHE B 62 23.81 -23.85 26.96
N ASP B 63 22.81 -24.64 27.35
CA ASP B 63 23.07 -25.86 28.08
C ASP B 63 23.57 -26.93 27.13
N GLY B 64 24.43 -27.81 27.61
CA GLY B 64 24.90 -28.92 26.79
C GLY B 64 26.33 -29.29 27.09
N PRO B 65 26.78 -30.43 26.56
CA PRO B 65 28.10 -30.94 26.96
C PRO B 65 29.26 -30.10 26.44
N ALA B 66 30.35 -30.06 27.21
CA ALA B 66 31.54 -29.32 26.81
C ALA B 66 32.02 -29.72 25.43
N GLY B 67 32.35 -28.73 24.60
CA GLY B 67 32.85 -28.99 23.27
C GLY B 67 31.81 -29.17 22.18
N SER B 68 30.53 -29.09 22.53
CA SER B 68 29.49 -29.29 21.54
C SER B 68 29.17 -28.02 20.79
N VAL B 69 28.53 -28.21 19.64
CA VAL B 69 28.10 -27.09 18.79
C VAL B 69 26.89 -26.41 19.44
N PRO B 70 26.77 -25.08 19.27
CA PRO B 70 25.55 -24.44 19.73
C PRO B 70 24.33 -25.02 19.03
N ASP B 71 23.20 -25.04 19.71
CA ASP B 71 21.93 -25.57 19.18
C ASP B 71 21.70 -25.25 17.70
N PRO B 72 21.76 -26.28 16.84
CA PRO B 72 21.63 -26.04 15.40
C PRO B 72 20.21 -25.63 14.97
N SER B 73 19.25 -25.74 15.86
CA SER B 73 17.89 -25.29 15.55
C SER B 73 17.78 -23.80 15.81
N LYS B 74 18.81 -23.23 16.44
CA LYS B 74 18.76 -21.82 16.83
C LYS B 74 19.86 -20.94 16.23
N TRP B 75 21.02 -21.53 15.96
CA TRP B 75 22.19 -20.78 15.50
C TRP B 75 22.84 -21.38 14.27
N GLN B 76 23.32 -20.52 13.40
CA GLN B 76 24.25 -20.93 12.36
C GLN B 76 25.63 -20.45 12.75
N VAL B 77 26.62 -21.33 12.69
CA VAL B 77 28.00 -20.95 12.98
C VAL B 77 28.67 -20.51 11.69
N SER B 78 29.27 -19.33 11.69
CA SER B 78 29.84 -18.79 10.45
C SER B 78 31.09 -19.55 10.04
N ASN B 79 31.25 -19.80 8.74
CA ASN B 79 32.48 -20.43 8.28
C ASN B 79 33.27 -19.49 7.37
N HIS B 80 32.89 -18.23 7.36
N HIS B 80 32.91 -18.22 7.36
CA HIS B 80 33.62 -17.18 6.65
CA HIS B 80 33.71 -17.21 6.67
C HIS B 80 33.36 -15.81 7.25
C HIS B 80 33.34 -15.78 7.05
N ARG B 81 34.37 -14.96 7.15
CA ARG B 81 34.21 -13.53 7.34
C ARG B 81 34.40 -12.84 5.99
N THR B 82 33.36 -12.17 5.52
CA THR B 82 33.43 -11.52 4.21
C THR B 82 34.51 -10.44 4.16
N PRO B 83 35.43 -10.53 3.20
CA PRO B 83 36.52 -9.56 3.08
C PRO B 83 36.00 -8.15 2.78
N ILE B 84 36.81 -7.16 3.14
CA ILE B 84 36.43 -5.77 2.99
C ILE B 84 36.74 -5.31 1.58
N LYS B 85 35.83 -4.55 0.98
CA LYS B 85 36.04 -3.98 -0.34
C LYS B 85 36.98 -2.79 -0.24
N ASN B 86 37.96 -2.72 -1.14
CA ASN B 86 38.99 -1.69 -1.09
C ASN B 86 39.62 -1.59 0.29
N PRO B 87 40.20 -2.71 0.78
CA PRO B 87 40.67 -2.68 2.16
C PRO B 87 41.96 -1.90 2.33
N VAL B 88 42.08 -1.20 3.44
CA VAL B 88 43.34 -0.59 3.83
C VAL B 88 43.57 -0.89 5.30
N GLY B 89 44.78 -0.62 5.75
CA GLY B 89 45.14 -0.83 7.15
C GLY B 89 44.89 -2.27 7.55
N PHE B 90 44.24 -2.45 8.69
CA PHE B 90 44.08 -3.79 9.25
C PHE B 90 42.88 -4.53 8.66
N ASP B 91 42.23 -3.95 7.66
CA ASP B 91 41.25 -4.70 6.87
C ASP B 91 41.92 -5.55 5.79
N ARG B 92 43.20 -5.31 5.53
CA ARG B 92 43.92 -6.10 4.54
C ARG B 92 44.00 -7.56 5.00
N PRO B 93 44.02 -8.51 4.04
CA PRO B 93 43.87 -9.94 4.36
C PRO B 93 44.87 -10.43 5.39
N GLN B 94 46.09 -9.93 5.36
CA GLN B 94 47.11 -10.43 6.28
C GLN B 94 46.77 -10.09 7.75
N PHE B 95 45.86 -9.14 7.96
CA PHE B 95 45.45 -8.74 9.30
C PHE B 95 44.02 -9.12 9.62
N PHE B 96 43.39 -9.88 8.74
CA PHE B 96 41.94 -10.07 8.81
C PHE B 96 41.60 -11.49 9.25
N GLY B 97 41.32 -11.67 10.54
CA GLY B 97 41.01 -12.99 11.07
C GLY B 97 39.72 -13.55 10.50
N GLN B 98 39.73 -14.84 10.21
CA GLN B 98 38.57 -15.47 9.62
C GLN B 98 37.63 -16.07 10.65
N TYR B 99 36.39 -16.32 10.24
CA TYR B 99 35.48 -17.12 11.03
C TYR B 99 35.53 -18.54 10.55
N ARG B 100 35.38 -19.48 11.49
CA ARG B 100 35.51 -20.88 11.20
C ARG B 100 34.46 -21.70 11.95
N ASP B 101 33.75 -22.59 11.27
CA ASP B 101 32.85 -23.51 11.97
C ASP B 101 33.69 -24.64 12.57
N SER B 102 34.36 -24.33 13.66
CA SER B 102 35.18 -25.31 14.37
C SER B 102 34.89 -25.26 15.85
N ARG B 103 34.91 -26.42 16.52
CA ARG B 103 34.74 -26.42 17.96
C ARG B 103 35.97 -25.83 18.69
N GLN B 104 37.02 -25.52 17.94
CA GLN B 104 38.13 -24.77 18.51
C GLN B 104 37.76 -23.30 18.71
N ASN B 105 36.76 -22.81 17.97
CA ASN B 105 36.42 -21.38 18.03
C ASN B 105 34.99 -21.07 18.48
N VAL B 106 34.08 -22.00 18.29
CA VAL B 106 32.69 -21.77 18.68
C VAL B 106 32.18 -23.05 19.31
N PHE B 107 31.95 -23.03 20.61
CA PHE B 107 31.53 -24.24 21.30
C PHE B 107 30.79 -23.92 22.59
N LEU B 108 30.06 -24.91 23.13
CA LEU B 108 29.49 -24.78 24.46
C LEU B 108 30.52 -25.29 25.47
N ASP B 109 30.65 -24.64 26.62
CA ASP B 109 31.71 -25.04 27.55
C ASP B 109 31.32 -26.13 28.54
N GLY B 110 30.07 -26.58 28.50
CA GLY B 110 29.61 -27.57 29.46
C GLY B 110 29.13 -26.96 30.77
N ASN B 111 29.32 -25.66 30.92
CA ASN B 111 28.85 -24.94 32.10
C ASN B 111 27.72 -23.95 31.79
N SER B 112 27.00 -24.23 30.71
CA SER B 112 25.88 -23.41 30.26
C SER B 112 26.32 -22.05 29.68
N ASN B 113 27.51 -22.00 29.09
CA ASN B 113 27.95 -20.83 28.31
C ASN B 113 28.28 -21.19 26.89
N LEU B 114 27.97 -20.29 25.98
CA LEU B 114 28.54 -20.28 24.65
C LEU B 114 29.91 -19.66 24.76
N VAL B 115 30.89 -20.24 24.06
CA VAL B 115 32.22 -19.66 24.01
C VAL B 115 32.54 -19.31 22.58
N LEU B 116 32.92 -18.06 22.36
CA LEU B 116 33.49 -17.61 21.11
C LEU B 116 34.95 -17.32 21.37
N ARG B 117 35.83 -18.06 20.71
CA ARG B 117 37.27 -18.05 21.06
C ARG B 117 38.16 -17.64 19.90
N ALA B 118 39.05 -16.70 20.17
CA ALA B 118 40.10 -16.32 19.23
C ALA B 118 41.28 -17.30 19.33
N THR B 119 41.70 -17.83 18.18
CA THR B 119 42.85 -18.75 18.15
C THR B 119 43.78 -18.38 17.01
N ARG B 120 44.98 -18.94 17.04
CA ARG B 120 45.95 -18.67 16.01
C ARG B 120 46.62 -19.97 15.60
N GLU B 121 46.74 -20.18 14.30
CA GLU B 121 47.45 -21.35 13.77
C GLU B 121 48.51 -20.89 12.78
N GLY B 122 49.79 -21.04 13.13
CA GLY B 122 50.84 -20.41 12.34
C GLY B 122 50.59 -18.91 12.25
N ASN B 123 50.41 -18.39 11.04
CA ASN B 123 50.08 -16.99 10.86
C ASN B 123 48.65 -16.75 10.41
N ARG B 124 47.81 -17.76 10.62
CA ARG B 124 46.37 -17.62 10.35
C ARG B 124 45.65 -17.34 11.67
N TYR B 125 44.71 -16.41 11.65
CA TYR B 125 43.95 -16.08 12.86
C TYR B 125 42.49 -16.45 12.68
N PHE B 126 41.86 -16.90 13.75
CA PHE B 126 40.46 -17.30 13.72
C PHE B 126 39.66 -16.75 14.90
N GLY B 127 38.48 -16.22 14.61
CA GLY B 127 37.54 -15.89 15.67
C GLY B 127 36.29 -16.73 15.48
N GLY B 128 35.17 -16.26 16.04
CA GLY B 128 33.97 -17.05 15.97
C GLY B 128 32.76 -16.15 15.87
N LEU B 129 31.75 -16.59 15.13
CA LEU B 129 30.51 -15.86 15.00
C LEU B 129 29.32 -16.83 14.94
N VAL B 130 28.25 -16.52 15.66
CA VAL B 130 26.99 -17.22 15.46
C VAL B 130 25.92 -16.19 15.10
N HIS B 131 24.96 -16.57 14.27
CA HIS B 131 23.80 -15.73 14.12
C HIS B 131 22.54 -16.58 14.26
N GLY B 132 21.49 -15.95 14.76
CA GLY B 132 20.25 -16.65 15.05
C GLY B 132 19.46 -17.00 13.79
N LEU B 133 18.75 -18.12 13.85
CA LEU B 133 17.98 -18.57 12.70
C LEU B 133 16.55 -18.03 12.76
N TRP B 134 16.29 -17.16 13.72
CA TRP B 134 14.96 -16.61 13.94
C TRP B 134 15.02 -15.08 13.83
N ARG B 135 14.04 -14.46 13.15
CA ARG B 135 13.99 -13.01 13.08
C ARG B 135 12.85 -12.45 13.92
N GLY B 136 13.10 -11.35 14.62
CA GLY B 136 12.06 -10.72 15.43
C GLY B 136 11.73 -9.32 14.97
N GLY B 137 10.46 -8.93 15.09
CA GLY B 137 10.04 -7.60 14.70
C GLY B 137 9.92 -6.63 15.85
N ILE B 138 9.23 -5.52 15.60
CA ILE B 138 9.18 -4.40 16.54
C ILE B 138 8.34 -4.79 17.76
N GLY B 139 8.57 -4.10 18.88
CA GLY B 139 7.91 -4.45 20.14
C GLY B 139 8.59 -5.62 20.81
N THR B 140 9.91 -5.64 20.75
CA THR B 140 10.70 -6.73 21.32
C THR B 140 11.80 -6.19 22.23
N THR B 141 12.13 -7.01 23.23
CA THR B 141 13.23 -6.72 24.14
C THR B 141 14.26 -7.83 24.02
N TRP B 142 15.49 -7.44 23.71
CA TRP B 142 16.57 -8.38 23.43
C TRP B 142 17.63 -8.23 24.50
N GLU B 143 18.10 -9.34 25.05
CA GLU B 143 19.10 -9.23 26.11
C GLU B 143 20.06 -10.42 26.11
N ALA B 144 21.33 -10.15 26.35
CA ALA B 144 22.33 -11.21 26.48
C ALA B 144 23.16 -10.97 27.73
N ARG B 145 23.47 -12.07 28.42
CA ARG B 145 24.40 -12.04 29.55
C ARG B 145 25.76 -12.49 29.05
N ILE B 146 26.74 -11.60 29.16
CA ILE B 146 28.02 -11.73 28.48
C ILE B 146 29.18 -11.44 29.43
N LYS B 147 30.26 -12.20 29.29
CA LYS B 147 31.53 -11.88 29.93
C LYS B 147 32.62 -11.78 28.86
N PHE B 148 33.23 -10.61 28.74
CA PHE B 148 34.29 -10.40 27.78
C PHE B 148 35.65 -10.71 28.41
N ASN B 149 36.17 -11.91 28.13
CA ASN B 149 37.53 -12.29 28.51
C ASN B 149 38.43 -12.12 27.29
N CYS B 150 38.26 -11.00 26.60
CA CYS B 150 38.91 -10.77 25.32
C CYS B 150 39.16 -9.29 25.09
N LEU B 151 39.28 -8.53 26.17
CA LEU B 151 39.49 -7.09 26.04
C LEU B 151 40.98 -6.82 25.89
N ALA B 152 41.50 -7.22 24.73
CA ALA B 152 42.93 -7.18 24.46
C ALA B 152 43.17 -6.78 23.01
N PRO B 153 44.39 -6.34 22.68
CA PRO B 153 44.68 -5.94 21.30
C PRO B 153 44.38 -7.03 20.28
N GLY B 154 43.88 -6.64 19.13
CA GLY B 154 43.57 -7.60 18.09
C GLY B 154 42.11 -8.02 18.10
N MET B 155 41.46 -7.87 19.25
CA MET B 155 40.12 -8.42 19.44
C MET B 155 39.01 -7.40 19.15
N TRP B 156 37.87 -7.92 18.71
CA TRP B 156 36.74 -7.08 18.35
C TRP B 156 35.43 -7.85 18.60
N PRO B 157 35.04 -7.94 19.88
CA PRO B 157 33.77 -8.62 20.21
C PRO B 157 32.55 -7.74 19.96
N ALA B 158 31.41 -8.37 19.72
CA ALA B 158 30.18 -7.61 19.48
C ALA B 158 28.94 -8.44 19.76
N TRP B 159 27.89 -7.74 20.14
CA TRP B 159 26.58 -8.32 20.35
C TRP B 159 25.62 -7.36 19.67
N TRP B 160 24.96 -7.84 18.60
CA TRP B 160 24.23 -6.92 17.74
C TRP B 160 23.09 -7.63 17.02
N LEU B 161 22.17 -6.83 16.46
CA LEU B 161 21.04 -7.32 15.69
C LEU B 161 21.15 -6.83 14.27
N SER B 162 20.82 -7.70 13.31
CA SER B 162 21.02 -7.40 11.90
C SER B 162 19.75 -7.49 11.08
N ASN B 163 19.56 -6.54 10.17
CA ASN B 163 18.60 -6.69 9.09
C ASN B 163 19.37 -6.67 7.80
N ASP B 164 19.16 -7.66 6.93
CA ASP B 164 19.92 -7.70 5.67
C ASP B 164 19.02 -7.60 4.44
N ASP B 165 17.90 -6.91 4.60
CA ASP B 165 16.98 -6.66 3.48
C ASP B 165 17.58 -5.75 2.43
N PRO B 166 17.52 -6.16 1.15
CA PRO B 166 17.99 -5.26 0.09
C PRO B 166 17.24 -3.93 0.15
N GLY B 167 17.97 -2.83 0.21
CA GLY B 167 17.35 -1.53 0.10
C GLY B 167 16.97 -0.87 1.41
N ARG B 168 16.96 -1.63 2.50
CA ARG B 168 16.59 -1.06 3.80
C ARG B 168 17.31 -1.75 4.95
N SER B 169 18.52 -2.22 4.70
CA SER B 169 19.30 -2.91 5.72
C SER B 169 19.65 -1.96 6.86
N GLY B 170 19.71 -2.51 8.07
CA GLY B 170 20.04 -1.72 9.24
C GLY B 170 20.74 -2.61 10.24
N GLU B 171 21.24 -1.99 11.30
CA GLU B 171 21.96 -2.74 12.30
C GLU B 171 21.77 -2.11 13.68
N ILE B 172 21.61 -2.95 14.70
CA ILE B 172 21.51 -2.46 16.06
C ILE B 172 22.66 -3.06 16.87
N ASP B 173 23.71 -2.27 17.08
CA ASP B 173 24.88 -2.76 17.83
C ASP B 173 24.71 -2.47 19.31
N LEU B 174 24.27 -3.46 20.08
CA LEU B 174 24.10 -3.25 21.52
C LEU B 174 25.42 -2.93 22.22
N ILE B 175 26.47 -3.69 21.90
CA ILE B 175 27.79 -3.34 22.40
C ILE B 175 28.89 -3.89 21.49
N GLU B 176 29.90 -3.05 21.28
CA GLU B 176 31.12 -3.42 20.57
C GLU B 176 32.28 -2.90 21.36
N TRP B 177 33.38 -3.65 21.37
CA TRP B 177 34.62 -3.20 22.00
C TRP B 177 35.72 -3.39 20.98
N TYR B 178 36.65 -2.44 20.94
CA TYR B 178 37.64 -2.40 19.87
C TYR B 178 39.05 -2.56 20.38
N GLY B 179 39.75 -3.58 19.88
CA GLY B 179 41.11 -3.86 20.30
C GLY B 179 42.16 -3.05 19.57
N ASN B 180 41.74 -2.08 18.75
CA ASN B 180 42.70 -1.34 17.92
C ASN B 180 43.38 -0.22 18.70
N GLY B 181 42.94 0.00 19.93
CA GLY B 181 43.60 0.90 20.84
C GLY B 181 43.20 2.36 20.70
N THR B 182 42.25 2.66 19.81
CA THR B 182 41.86 4.05 19.62
C THR B 182 40.35 4.29 19.65
N TRP B 183 39.55 3.42 19.05
CA TRP B 183 38.11 3.63 19.04
C TRP B 183 37.49 3.28 20.39
N PRO B 184 36.56 4.12 20.88
CA PRO B 184 35.89 3.85 22.16
C PRO B 184 34.80 2.81 22.02
N SER B 185 34.68 1.95 23.03
CA SER B 185 33.62 0.94 23.03
C SER B 185 32.25 1.59 23.13
N GLY B 186 31.24 0.98 22.54
CA GLY B 186 29.91 1.56 22.71
C GLY B 186 28.82 0.94 21.89
N THR B 187 27.74 1.71 21.78
CA THR B 187 26.44 1.28 21.28
C THR B 187 26.01 2.13 20.07
N THR B 188 25.51 1.50 19.02
CA THR B 188 25.22 2.22 17.78
C THR B 188 23.97 1.69 17.09
N VAL B 189 23.13 2.58 16.59
CA VAL B 189 22.06 2.19 15.69
C VAL B 189 22.36 2.70 14.28
N HIS B 190 22.47 1.79 13.33
CA HIS B 190 22.70 2.11 11.92
C HIS B 190 21.43 1.97 11.11
N ALA B 191 21.02 3.04 10.43
CA ALA B 191 19.81 2.99 9.60
C ALA B 191 20.13 2.81 8.12
N ASN B 192 21.40 2.61 7.80
CA ASN B 192 21.80 2.16 6.47
C ASN B 192 23.11 1.38 6.59
N PRO B 193 23.49 0.64 5.55
CA PRO B 193 24.72 -0.16 5.68
C PRO B 193 26.00 0.62 5.33
N ASP B 194 25.89 1.90 4.99
CA ASP B 194 27.06 2.71 4.63
C ASP B 194 27.74 3.39 5.82
N GLY B 195 27.18 3.20 7.01
CA GLY B 195 27.75 3.80 8.21
C GLY B 195 27.55 5.30 8.35
N THR B 196 26.69 5.87 7.52
CA THR B 196 26.45 7.31 7.54
C THR B 196 25.08 7.72 8.09
N ALA B 197 24.28 6.76 8.52
CA ALA B 197 22.99 7.07 9.12
C ALA B 197 22.92 6.43 10.50
N PHE B 198 23.69 6.98 11.42
CA PHE B 198 23.91 6.31 12.69
C PHE B 198 23.67 7.23 13.87
N GLU B 199 23.35 6.63 15.01
CA GLU B 199 23.37 7.30 16.29
C GLU B 199 24.23 6.43 17.20
N THR B 200 25.22 7.02 17.87
CA THR B 200 26.14 6.21 18.67
C THR B 200 26.32 6.77 20.07
N CYS B 201 26.70 5.92 21.00
CA CYS B 201 26.87 6.32 22.40
C CYS B 201 27.96 5.47 23.04
N PRO B 202 29.03 6.13 23.48
CA PRO B 202 30.11 5.42 24.19
C PRO B 202 29.65 4.86 25.51
N ILE B 203 30.11 3.67 25.85
CA ILE B 203 29.90 3.14 27.18
C ILE B 203 31.05 2.17 27.48
N GLY B 204 31.56 2.23 28.70
CA GLY B 204 32.69 1.41 29.08
C GLY B 204 32.35 -0.06 29.25
N VAL B 205 33.31 -0.91 28.95
CA VAL B 205 33.17 -2.35 29.08
C VAL B 205 34.27 -2.87 30.00
N ASP B 206 33.90 -3.62 31.03
CA ASP B 206 34.92 -4.26 31.84
C ASP B 206 34.80 -5.77 31.68
N GLY B 207 35.53 -6.51 32.50
CA GLY B 207 35.60 -7.94 32.34
C GLY B 207 34.59 -8.75 33.15
N GLY B 208 33.63 -8.08 33.78
CA GLY B 208 32.68 -8.80 34.59
C GLY B 208 31.49 -9.31 33.80
N TRP B 209 30.65 -10.12 34.44
CA TRP B 209 29.39 -10.51 33.82
C TRP B 209 28.44 -9.30 33.76
N HIS B 210 27.81 -9.10 32.60
CA HIS B 210 26.85 -8.01 32.46
C HIS B 210 25.73 -8.42 31.53
N ASN B 211 24.56 -7.82 31.71
CA ASN B 211 23.44 -8.01 30.79
C ASN B 211 23.33 -6.79 29.90
N TRP B 212 23.27 -7.02 28.59
CA TRP B 212 23.17 -5.94 27.62
C TRP B 212 21.83 -6.05 26.91
N ARG B 213 20.99 -5.01 27.05
CA ARG B 213 19.59 -5.09 26.63
C ARG B 213 19.19 -3.95 25.70
N VAL B 214 18.33 -4.26 24.74
CA VAL B 214 17.63 -3.20 24.02
C VAL B 214 16.15 -3.53 23.97
N THR B 215 15.34 -2.51 24.21
CA THR B 215 13.92 -2.57 23.94
C THR B 215 13.64 -1.74 22.70
N TRP B 216 13.01 -2.37 21.71
CA TRP B 216 12.75 -1.76 20.41
C TRP B 216 11.24 -1.70 20.22
N ASN B 217 10.67 -0.50 20.29
N ASN B 217 10.71 -0.47 20.31
CA ASN B 217 9.23 -0.39 20.12
CA ASN B 217 9.27 -0.20 20.24
C ASN B 217 8.93 0.75 19.14
C ASN B 217 8.94 0.72 19.06
N PRO B 218 7.65 0.92 18.75
CA PRO B 218 7.34 1.96 17.75
C PRO B 218 7.92 3.35 18.05
N SER B 219 8.15 3.67 19.33
CA SER B 219 8.67 4.98 19.70
C SER B 219 10.19 5.08 19.52
N GLY B 220 10.88 3.96 19.42
CA GLY B 220 12.33 3.98 19.27
C GLY B 220 13.03 2.83 19.97
N MET B 221 14.32 3.02 20.25
CA MET B 221 15.15 1.98 20.88
C MET B 221 15.77 2.50 22.16
N TYR B 222 15.77 1.65 23.18
CA TYR B 222 16.24 1.99 24.51
C TYR B 222 17.21 0.93 24.97
N PHE B 223 18.39 1.36 25.43
CA PHE B 223 19.46 0.44 25.80
C PHE B 223 19.78 0.47 27.29
N TRP B 224 20.01 -0.70 27.85
CA TRP B 224 20.40 -0.82 29.26
C TRP B 224 21.62 -1.68 29.44
N LEU B 225 22.42 -1.31 30.45
CA LEU B 225 23.45 -2.15 31.01
C LEU B 225 22.97 -2.60 32.38
N ASP B 226 22.85 -3.91 32.57
CA ASP B 226 22.40 -4.50 33.84
C ASP B 226 21.06 -3.94 34.27
N TYR B 227 20.09 -4.10 33.38
CA TYR B 227 18.72 -3.67 33.63
C TYR B 227 18.18 -4.25 34.93
N ALA B 228 17.53 -3.39 35.70
CA ALA B 228 16.70 -3.81 36.83
C ALA B 228 15.52 -2.85 36.90
N ASP B 229 14.44 -3.25 37.55
CA ASP B 229 13.25 -2.40 37.63
C ASP B 229 13.62 -1.02 38.16
N GLY B 230 13.30 0.02 37.40
CA GLY B 230 13.57 1.38 37.82
C GLY B 230 14.82 2.03 37.24
N ILE B 231 15.74 1.21 36.75
CA ILE B 231 16.96 1.72 36.12
C ILE B 231 16.63 2.39 34.80
N GLU B 232 17.26 3.54 34.55
CA GLU B 232 17.04 4.31 33.33
C GLU B 232 17.94 3.79 32.21
N PRO B 233 17.46 3.82 30.96
CA PRO B 233 18.36 3.40 29.87
C PRO B 233 19.52 4.37 29.73
N TYR B 234 20.69 3.89 29.30
CA TYR B 234 21.84 4.77 29.15
C TYR B 234 21.86 5.47 27.79
N PHE B 235 21.01 4.98 26.89
CA PHE B 235 20.97 5.51 25.54
C PHE B 235 19.60 5.27 24.94
N SER B 236 19.05 6.28 24.27
CA SER B 236 17.75 6.19 23.61
C SER B 236 17.86 6.72 22.21
N VAL B 237 17.22 6.05 21.26
CA VAL B 237 17.20 6.51 19.88
C VAL B 237 15.75 6.59 19.42
N PRO B 238 15.26 7.80 19.12
CA PRO B 238 13.85 7.94 18.77
C PRO B 238 13.57 7.55 17.34
N ALA B 239 12.41 6.92 17.10
CA ALA B 239 11.95 6.66 15.75
C ALA B 239 11.60 7.99 15.07
N THR B 240 11.69 8.04 13.75
CA THR B 240 11.43 9.30 13.06
C THR B 240 9.93 9.65 13.11
N GLY B 241 9.65 10.93 13.30
CA GLY B 241 8.28 11.43 13.27
C GLY B 241 8.21 12.79 12.63
N ASN B 246 12.18 19.20 7.82
CA ASN B 246 11.95 17.85 7.31
C ASN B 246 13.14 17.27 6.56
N GLU B 247 13.88 18.14 5.88
CA GLU B 247 14.88 17.77 4.92
C GLU B 247 16.32 18.03 5.44
N PRO B 248 17.25 17.07 5.24
CA PRO B 248 17.10 15.74 4.63
C PRO B 248 16.29 14.82 5.52
N ILE B 249 15.40 14.04 4.91
CA ILE B 249 14.59 13.06 5.63
C ILE B 249 15.51 12.06 6.29
N ARG B 250 15.39 11.94 7.61
CA ARG B 250 16.23 11.04 8.38
C ARG B 250 15.95 9.61 7.96
N GLU B 251 17.00 8.89 7.58
CA GLU B 251 16.85 7.49 7.19
C GLU B 251 16.48 6.69 8.43
N TRP B 252 15.42 5.89 8.31
CA TRP B 252 14.92 5.09 9.43
C TRP B 252 14.00 4.01 8.89
N PRO B 253 14.52 2.78 8.74
CA PRO B 253 13.68 1.69 8.20
C PRO B 253 12.91 0.90 9.26
N PHE B 254 13.26 1.11 10.53
CA PHE B 254 12.83 0.21 11.59
C PHE B 254 11.33 0.21 11.92
N ASN B 255 10.60 1.23 11.46
CA ASN B 255 9.15 1.25 11.64
C ASN B 255 8.37 0.82 10.40
N ASP B 256 9.09 0.32 9.39
CA ASP B 256 8.42 -0.29 8.23
C ASP B 256 7.63 -1.53 8.65
N PRO B 257 6.42 -1.71 8.09
CA PRO B 257 5.65 -2.89 8.48
C PRO B 257 6.40 -4.20 8.20
N GLY B 258 6.48 -5.05 9.20
CA GLY B 258 7.09 -6.36 9.05
C GLY B 258 8.61 -6.38 9.11
N TYR B 259 9.21 -5.23 9.43
CA TYR B 259 10.68 -5.15 9.51
C TYR B 259 11.20 -6.04 10.63
N LYS B 260 12.22 -6.83 10.35
CA LYS B 260 12.72 -7.77 11.34
C LYS B 260 14.26 -7.79 11.40
N VAL B 261 14.76 -8.16 12.57
CA VAL B 261 16.19 -8.31 12.77
C VAL B 261 16.50 -9.69 13.37
N PHE B 262 17.75 -10.15 13.21
CA PHE B 262 18.16 -11.40 13.84
C PHE B 262 19.41 -11.17 14.70
N PRO B 263 19.62 -12.00 15.73
CA PRO B 263 20.73 -11.76 16.66
C PRO B 263 22.06 -12.30 16.18
N VAL B 264 23.13 -11.59 16.53
CA VAL B 264 24.48 -12.02 16.16
C VAL B 264 25.39 -11.85 17.38
N LEU B 265 26.19 -12.87 17.65
CA LEU B 265 27.25 -12.78 18.66
C LEU B 265 28.57 -13.12 18.00
N ASN B 266 29.60 -12.30 18.19
CA ASN B 266 30.88 -12.66 17.59
C ASN B 266 32.09 -12.11 18.31
N LEU B 267 33.18 -12.85 18.18
CA LEU B 267 34.49 -12.35 18.53
C LEU B 267 35.30 -12.33 17.24
N ALA B 268 35.42 -11.14 16.65
CA ALA B 268 36.26 -10.97 15.48
C ALA B 268 37.71 -10.74 15.89
N VAL B 269 38.62 -11.15 15.00
CA VAL B 269 40.03 -10.94 15.19
C VAL B 269 40.58 -10.10 14.04
N GLY B 270 41.21 -8.98 14.36
CA GLY B 270 41.73 -8.11 13.31
C GLY B 270 40.60 -7.37 12.60
N GLY B 271 40.93 -6.83 11.44
CA GLY B 271 40.05 -5.85 10.81
C GLY B 271 40.27 -4.50 11.48
N SER B 272 39.66 -3.46 10.91
CA SER B 272 39.86 -2.09 11.36
C SER B 272 39.60 -1.91 12.86
N GLY B 273 38.55 -2.54 13.35
CA GLY B 273 38.16 -2.37 14.74
C GLY B 273 39.01 -3.20 15.68
N GLY B 274 39.61 -4.27 15.15
CA GLY B 274 40.41 -5.16 15.98
C GLY B 274 41.86 -4.73 16.14
N GLY B 275 42.42 -4.10 15.12
CA GLY B 275 43.84 -3.80 15.13
C GLY B 275 44.65 -4.98 14.63
N ASP B 276 45.96 -4.93 14.83
CA ASP B 276 46.87 -5.98 14.34
C ASP B 276 46.76 -7.26 15.15
N PRO B 277 46.30 -8.35 14.53
CA PRO B 277 46.17 -9.61 15.28
C PRO B 277 47.52 -10.17 15.70
N ALA B 278 48.60 -9.72 15.04
CA ALA B 278 49.93 -10.21 15.41
C ALA B 278 50.33 -9.73 16.80
N THR B 279 49.66 -8.69 17.30
CA THR B 279 49.90 -8.17 18.64
C THR B 279 49.00 -8.84 19.67
N GLY B 280 48.18 -9.77 19.21
CA GLY B 280 47.15 -10.36 20.05
C GLY B 280 47.68 -11.50 20.90
N SER B 281 46.84 -11.90 21.85
CA SER B 281 47.11 -13.05 22.72
C SER B 281 46.09 -14.14 22.41
N TYR B 282 46.55 -15.39 22.33
CA TYR B 282 45.69 -16.50 21.94
C TYR B 282 45.85 -17.64 22.95
N PRO B 283 44.74 -18.09 23.56
CA PRO B 283 43.35 -17.70 23.26
C PRO B 283 42.85 -16.45 23.97
N GLN B 284 41.79 -15.87 23.40
CA GLN B 284 40.91 -14.93 24.08
C GLN B 284 39.47 -15.45 23.90
N GLU B 285 38.58 -15.10 24.82
CA GLU B 285 37.22 -15.64 24.78
C GLU B 285 36.16 -14.63 25.13
N MET B 286 35.02 -14.77 24.48
CA MET B 286 33.79 -14.09 24.85
C MET B 286 32.82 -15.18 25.31
N LEU B 287 32.27 -15.03 26.52
CA LEU B 287 31.35 -16.00 27.10
C LEU B 287 29.96 -15.43 27.11
N VAL B 288 28.98 -16.24 26.71
CA VAL B 288 27.59 -15.82 26.74
C VAL B 288 26.77 -16.84 27.52
N ASP B 289 26.18 -16.41 28.63
CA ASP B 289 25.41 -17.32 29.48
C ASP B 289 24.04 -17.61 28.87
N TRP B 290 23.44 -16.58 28.26
CA TRP B 290 22.15 -16.74 27.60
C TRP B 290 21.83 -15.56 26.70
N VAL B 291 20.89 -15.79 25.79
CA VAL B 291 20.25 -14.76 24.97
C VAL B 291 18.76 -14.97 25.14
N ARG B 292 18.02 -13.90 25.45
CA ARG B 292 16.57 -14.00 25.59
C ARG B 292 15.89 -12.86 24.84
N VAL B 293 14.81 -13.18 24.14
CA VAL B 293 14.04 -12.17 23.42
C VAL B 293 12.58 -12.28 23.81
N PHE B 294 12.04 -11.19 24.32
CA PHE B 294 10.65 -11.14 24.76
C PHE B 294 9.85 -10.23 23.84
N GLY B 295 8.58 -10.57 23.63
CA GLY B 295 7.72 -9.73 22.82
C GLY B 295 6.69 -9.07 23.71
N SER B 296 6.21 -7.90 23.31
CA SER B 296 5.19 -7.24 24.12
C SER B 296 3.81 -7.50 23.53
N HIS B 297 2.80 -7.52 24.42
CA HIS B 297 1.48 -8.03 24.11
C HIS B 297 0.90 -7.54 22.77
N HIS B 298 0.81 -6.24 22.57
CA HIS B 298 0.19 -5.74 21.34
C HIS B 298 1.18 -5.41 20.23
CA CA C . -30.62 -3.46 -6.20
C1 EDO D . -24.63 11.09 -21.86
O1 EDO D . -23.23 11.36 -21.66
C2 EDO D . -25.12 11.59 -23.22
O2 EDO D . -24.63 10.72 -24.25
C1 EDO E . -28.03 3.30 -27.01
O1 EDO E . -26.91 2.67 -27.65
C2 EDO E . -27.79 4.80 -26.92
O2 EDO E . -26.39 5.04 -27.05
CA CA F . 23.45 -20.53 30.46
C1 EDO G . 29.60 -5.77 14.92
O1 EDO G . 31.00 -5.47 15.15
C2 EDO G . 29.14 -5.26 13.56
O2 EDO G . 29.82 -6.00 12.54
#